data_1K27
#
_entry.id   1K27
#
_cell.length_a   122.231
_cell.length_b   122.231
_cell.length_c   44.743
_cell.angle_alpha   90
_cell.angle_beta   90
_cell.angle_gamma   120
#
_symmetry.space_group_name_H-M   'P 3 2 1'
#
loop_
_entity.id
_entity.type
_entity.pdbx_description
1 polymer "5'-Deoxy-5'-Methylthioadenosine Phosphorylase"
2 non-polymer 'PHOSPHATE ION'
3 non-polymer (3S,4R)-2-(4-AMINO-5H-PYRROLO[3,2-D]PYRIMIDIN-7-YL)-5-[(METHYLSULFANYL)METHYL]PYRROLIDINE-3,4-DIOL
4 water water
#
_entity_poly.entity_id   1
_entity_poly.type   'polypeptide(L)'
_entity_poly.pdbx_seq_one_letter_code
;MASGTTTTAVKIGIIGGTGLDDPEILEGRTEKYVDTPFGKPSDALILGKIKNVDCVLLARHGRQHTIMPSKVNYQANIWA
LKEEGCTHVIVTTACGSLREEIQPGDIVIIDQFIDRTTMRPQSFYDGSHSCARGVCHIPMAEPFCPKTREVLIETAKKLG
LRCHSKGTMVTIEGPRFSSRAESFMFRTWGADVINMTTVPEVVLAKEAGICYASIAMATDYDCWKEHEEAVSVDRVLKTL
KENANKAKSLLLTTIPQIGSTEWSETLHNLKNMAQFSVLLPRH
;
_entity_poly.pdbx_strand_id   A
#
# COMPACT_ATOMS: atom_id res chain seq x y z
N ALA A 9 10.70 12.33 -15.13
CA ALA A 9 10.62 10.85 -15.30
C ALA A 9 10.11 10.19 -14.03
N VAL A 10 9.19 9.25 -14.18
CA VAL A 10 8.63 8.55 -13.03
C VAL A 10 9.08 7.10 -12.98
N LYS A 11 9.01 6.52 -11.80
CA LYS A 11 9.35 5.12 -11.58
C LYS A 11 8.36 4.65 -10.53
N ILE A 12 7.55 3.65 -10.90
CA ILE A 12 6.52 3.15 -10.02
C ILE A 12 6.87 1.91 -9.20
N GLY A 13 6.89 2.07 -7.89
CA GLY A 13 7.14 0.93 -7.04
C GLY A 13 5.80 0.26 -6.83
N ILE A 14 5.78 -1.06 -6.83
CA ILE A 14 4.55 -1.81 -6.62
C ILE A 14 4.74 -2.83 -5.51
N ILE A 15 3.99 -2.68 -4.42
CA ILE A 15 4.08 -3.63 -3.33
C ILE A 15 2.86 -4.53 -3.42
N GLY A 16 3.10 -5.83 -3.64
CA GLY A 16 2.00 -6.77 -3.76
C GLY A 16 1.63 -7.44 -2.46
N GLY A 17 0.32 -7.47 -2.17
CA GLY A 17 -0.15 -8.09 -0.95
C GLY A 17 -0.50 -9.56 -1.10
N THR A 18 -1.27 -10.07 -0.15
CA THR A 18 -1.70 -11.48 -0.16
C THR A 18 -2.34 -11.86 -1.49
N GLY A 19 -1.74 -12.83 -2.17
CA GLY A 19 -2.26 -13.29 -3.45
C GLY A 19 -2.41 -12.22 -4.51
N LEU A 20 -1.72 -11.10 -4.34
CA LEU A 20 -1.79 -10.00 -5.30
C LEU A 20 -0.40 -9.46 -5.63
N ASP A 21 0.58 -10.36 -5.66
CA ASP A 21 1.97 -9.98 -5.95
C ASP A 21 2.58 -10.81 -7.08
N ASP A 22 1.89 -10.84 -8.22
CA ASP A 22 2.34 -11.59 -9.38
C ASP A 22 3.41 -10.85 -10.18
N PRO A 23 4.61 -11.44 -10.30
CA PRO A 23 5.72 -10.82 -11.03
C PRO A 23 5.53 -10.77 -12.55
N GLU A 24 4.66 -11.64 -13.06
CA GLU A 24 4.39 -11.70 -14.50
C GLU A 24 3.79 -10.40 -15.04
N ILE A 25 3.45 -9.49 -14.15
CA ILE A 25 2.86 -8.22 -14.56
C ILE A 25 3.88 -7.35 -15.30
N LEU A 26 5.16 -7.51 -14.97
CA LEU A 26 6.21 -6.72 -15.62
C LEU A 26 6.94 -7.44 -16.74
N GLU A 27 7.41 -6.66 -17.71
CA GLU A 27 8.16 -7.18 -18.84
C GLU A 27 9.64 -6.83 -18.59
N GLY A 28 10.53 -7.60 -19.22
CA GLY A 28 11.96 -7.35 -19.05
C GLY A 28 12.36 -7.36 -17.59
N ARG A 29 12.00 -8.42 -16.88
CA ARG A 29 12.29 -8.54 -15.46
C ARG A 29 13.71 -8.92 -15.09
N THR A 30 14.18 -8.33 -13.99
CA THR A 30 15.51 -8.59 -13.45
C THR A 30 15.39 -8.55 -11.93
N GLU A 31 15.81 -9.63 -11.27
CA GLU A 31 15.77 -9.75 -9.82
C GLU A 31 16.95 -8.99 -9.22
N LYS A 32 16.70 -8.25 -8.14
CA LYS A 32 17.76 -7.48 -7.49
C LYS A 32 17.59 -7.42 -5.97
N TYR A 33 18.42 -8.17 -5.26
CA TYR A 33 18.40 -8.19 -3.81
C TYR A 33 19.18 -6.98 -3.32
N VAL A 34 18.64 -6.27 -2.33
CA VAL A 34 19.30 -5.09 -1.80
C VAL A 34 19.29 -5.09 -0.29
N ASP A 35 20.01 -4.15 0.29
CA ASP A 35 20.05 -4.02 1.74
C ASP A 35 19.76 -2.55 2.02
N THR A 36 19.32 -2.25 3.24
CA THR A 36 19.01 -0.88 3.61
C THR A 36 19.53 -0.65 5.02
N PRO A 37 19.59 0.61 5.47
CA PRO A 37 20.08 0.88 6.82
C PRO A 37 19.13 0.29 7.87
N PHE A 38 17.96 -0.13 7.43
CA PHE A 38 16.97 -0.70 8.36
C PHE A 38 16.82 -2.20 8.19
N GLY A 39 17.73 -2.81 7.44
CA GLY A 39 17.66 -4.25 7.22
C GLY A 39 17.31 -4.59 5.79
N LYS A 40 17.02 -5.87 5.54
CA LYS A 40 16.68 -6.31 4.19
C LYS A 40 15.19 -6.20 3.91
N PRO A 41 14.81 -5.86 2.67
CA PRO A 41 13.41 -5.73 2.30
C PRO A 41 12.79 -7.13 2.36
N SER A 42 11.46 -7.21 2.26
CA SER A 42 10.76 -8.49 2.34
C SER A 42 11.33 -9.53 1.36
N ASP A 43 11.73 -9.08 0.18
CA ASP A 43 12.27 -9.99 -0.81
C ASP A 43 13.03 -9.17 -1.83
N ALA A 44 13.55 -9.82 -2.86
CA ALA A 44 14.29 -9.11 -3.89
C ALA A 44 13.37 -8.16 -4.65
N LEU A 45 13.95 -7.06 -5.13
CA LEU A 45 13.20 -6.10 -5.91
C LEU A 45 13.13 -6.71 -7.30
N ILE A 46 11.99 -6.56 -7.96
CA ILE A 46 11.83 -7.09 -9.31
C ILE A 46 11.74 -5.88 -10.24
N LEU A 47 12.84 -5.60 -10.94
CA LEU A 47 12.89 -4.48 -11.87
C LEU A 47 12.24 -4.87 -13.20
N GLY A 48 11.45 -3.96 -13.76
CA GLY A 48 10.80 -4.25 -15.01
C GLY A 48 10.01 -3.07 -15.54
N LYS A 49 9.22 -3.30 -16.58
CA LYS A 49 8.43 -2.22 -17.17
C LYS A 49 7.02 -2.64 -17.59
N ILE A 50 6.14 -1.65 -17.60
CA ILE A 50 4.77 -1.82 -18.05
C ILE A 50 4.72 -0.78 -19.15
N LYS A 51 4.69 -1.25 -20.39
CA LYS A 51 4.73 -0.36 -21.54
C LYS A 51 6.10 0.31 -21.48
N ASN A 52 6.15 1.63 -21.40
CA ASN A 52 7.45 2.31 -21.36
C ASN A 52 7.77 2.86 -19.97
N VAL A 53 7.02 2.43 -18.96
CA VAL A 53 7.23 2.93 -17.60
C VAL A 53 8.02 1.98 -16.72
N ASP A 54 9.08 2.49 -16.10
CA ASP A 54 9.92 1.68 -15.22
C ASP A 54 9.20 1.39 -13.91
N CYS A 55 9.24 0.13 -13.48
CA CYS A 55 8.59 -0.28 -12.25
C CYS A 55 9.50 -1.13 -11.40
N VAL A 56 9.17 -1.24 -10.12
CA VAL A 56 9.93 -2.05 -9.19
C VAL A 56 8.91 -2.77 -8.33
N LEU A 57 8.81 -4.10 -8.50
CA LEU A 57 7.86 -4.91 -7.76
C LEU A 57 8.47 -5.54 -6.51
N LEU A 58 7.69 -5.58 -5.44
CA LEU A 58 8.14 -6.13 -4.17
C LEU A 58 6.98 -6.85 -3.49
N ALA A 59 7.19 -8.10 -3.08
CA ALA A 59 6.15 -8.87 -2.41
C ALA A 59 6.21 -8.54 -0.92
N ARG A 60 5.16 -7.87 -0.42
CA ARG A 60 5.09 -7.47 0.97
C ARG A 60 5.38 -8.56 2.01
N HIS A 61 4.88 -9.77 1.78
CA HIS A 61 5.08 -10.86 2.73
C HIS A 61 6.12 -11.86 2.27
N GLY A 62 6.90 -11.49 1.27
CA GLY A 62 7.89 -12.40 0.73
C GLY A 62 7.18 -13.16 -0.36
N ARG A 63 7.89 -13.57 -1.40
CA ARG A 63 7.27 -14.30 -2.49
C ARG A 63 6.60 -15.61 -2.06
N GLN A 64 6.93 -16.09 -0.87
CA GLN A 64 6.33 -17.32 -0.37
C GLN A 64 5.41 -17.05 0.82
N HIS A 65 5.10 -15.77 1.02
CA HIS A 65 4.23 -15.35 2.12
C HIS A 65 4.64 -15.99 3.44
N THR A 66 5.84 -15.64 3.90
CA THR A 66 6.38 -16.19 5.13
C THR A 66 6.53 -15.14 6.24
N ILE A 67 6.18 -13.90 5.92
CA ILE A 67 6.31 -12.82 6.90
C ILE A 67 4.95 -12.30 7.34
N MET A 68 4.65 -12.40 8.63
CA MET A 68 3.38 -11.92 9.14
C MET A 68 3.37 -10.39 9.12
N PRO A 69 2.18 -9.78 9.04
CA PRO A 69 2.05 -8.32 8.99
C PRO A 69 2.88 -7.58 10.05
N SER A 70 2.83 -8.06 11.28
CA SER A 70 3.56 -7.44 12.39
C SER A 70 5.07 -7.40 12.17
N LYS A 71 5.59 -8.34 11.40
CA LYS A 71 7.02 -8.40 11.19
C LYS A 71 7.53 -7.96 9.82
N VAL A 72 6.64 -7.43 8.99
CA VAL A 72 7.08 -6.94 7.69
C VAL A 72 8.00 -5.74 7.98
N ASN A 73 9.13 -5.68 7.27
CA ASN A 73 10.07 -4.59 7.47
C ASN A 73 9.64 -3.41 6.58
N TYR A 74 8.61 -2.70 7.03
CA TYR A 74 8.08 -1.57 6.29
C TYR A 74 9.14 -0.51 5.98
N GLN A 75 10.01 -0.24 6.94
CA GLN A 75 11.08 0.75 6.75
C GLN A 75 12.02 0.35 5.62
N ALA A 76 12.45 -0.91 5.63
CA ALA A 76 13.36 -1.39 4.60
C ALA A 76 12.68 -1.40 3.24
N ASN A 77 11.43 -1.85 3.19
CA ASN A 77 10.71 -1.90 1.92
C ASN A 77 10.57 -0.53 1.28
N ILE A 78 10.12 0.46 2.05
CA ILE A 78 9.98 1.80 1.50
C ILE A 78 11.34 2.41 1.18
N TRP A 79 12.33 2.18 2.05
CA TRP A 79 13.67 2.73 1.81
C TRP A 79 14.26 2.17 0.51
N ALA A 80 14.15 0.87 0.31
CA ALA A 80 14.68 0.23 -0.90
C ALA A 80 14.04 0.79 -2.17
N LEU A 81 12.72 1.01 -2.13
CA LEU A 81 12.01 1.54 -3.29
C LEU A 81 12.44 2.97 -3.58
N LYS A 82 12.61 3.77 -2.53
CA LYS A 82 13.03 5.15 -2.69
C LYS A 82 14.44 5.16 -3.28
N GLU A 83 15.31 4.34 -2.72
CA GLU A 83 16.70 4.26 -3.15
C GLU A 83 16.82 3.85 -4.62
N GLU A 84 15.89 3.01 -5.06
CA GLU A 84 15.88 2.54 -6.44
C GLU A 84 15.39 3.66 -7.37
N GLY A 85 14.92 4.74 -6.78
CA GLY A 85 14.44 5.86 -7.57
C GLY A 85 12.94 5.97 -7.78
N CYS A 86 12.16 5.23 -7.01
CA CYS A 86 10.71 5.29 -7.19
C CYS A 86 10.15 6.64 -6.79
N THR A 87 9.31 7.19 -7.66
CA THR A 87 8.66 8.47 -7.41
C THR A 87 7.25 8.19 -6.91
N HIS A 88 6.72 7.02 -7.28
CA HIS A 88 5.39 6.59 -6.88
C HIS A 88 5.42 5.19 -6.33
N VAL A 89 4.44 4.87 -5.50
CA VAL A 89 4.29 3.53 -4.94
C VAL A 89 2.80 3.23 -4.95
N ILE A 90 2.41 2.20 -5.70
CA ILE A 90 1.02 1.78 -5.74
C ILE A 90 1.03 0.37 -5.18
N VAL A 91 0.17 0.10 -4.22
CA VAL A 91 0.16 -1.23 -3.61
C VAL A 91 -1.21 -1.88 -3.73
N THR A 92 -1.25 -3.17 -3.41
CA THR A 92 -2.51 -3.91 -3.41
C THR A 92 -2.60 -4.47 -2.00
N THR A 93 -3.82 -4.61 -1.51
CA THR A 93 -4.01 -5.17 -0.19
C THR A 93 -5.38 -5.80 -0.05
N ALA A 94 -5.39 -7.02 0.48
CA ALA A 94 -6.62 -7.74 0.72
C ALA A 94 -7.15 -7.12 2.01
N CYS A 95 -8.47 -7.00 2.13
CA CYS A 95 -9.05 -6.39 3.32
C CYS A 95 -10.47 -6.90 3.58
N GLY A 96 -10.92 -6.71 4.81
CA GLY A 96 -12.25 -7.11 5.17
C GLY A 96 -13.14 -5.91 4.97
N SER A 97 -14.39 -6.15 4.55
CA SER A 97 -15.34 -5.06 4.35
C SER A 97 -16.14 -4.84 5.62
N LEU A 98 -16.26 -3.58 6.02
CA LEU A 98 -17.02 -3.22 7.21
C LEU A 98 -18.30 -2.48 6.81
N ARG A 99 -18.60 -2.49 5.51
CA ARG A 99 -19.80 -1.82 4.97
C ARG A 99 -20.53 -2.75 4.02
N GLU A 100 -21.86 -2.82 4.17
CA GLU A 100 -22.67 -3.68 3.32
C GLU A 100 -22.46 -3.43 1.82
N GLU A 101 -22.34 -2.17 1.42
CA GLU A 101 -22.16 -1.82 0.00
C GLU A 101 -20.81 -2.21 -0.59
N ILE A 102 -19.83 -2.52 0.27
CA ILE A 102 -18.52 -2.94 -0.20
C ILE A 102 -18.53 -4.45 -0.16
N GLN A 103 -18.81 -5.06 -1.32
CA GLN A 103 -18.89 -6.51 -1.42
C GLN A 103 -17.55 -7.15 -1.73
N PRO A 104 -17.35 -8.39 -1.29
CA PRO A 104 -16.08 -9.05 -1.58
C PRO A 104 -15.87 -9.00 -3.10
N GLY A 105 -14.64 -8.70 -3.52
CA GLY A 105 -14.36 -8.62 -4.94
C GLY A 105 -14.26 -7.16 -5.37
N ASP A 106 -14.92 -6.29 -4.60
CA ASP A 106 -14.92 -4.86 -4.89
C ASP A 106 -13.56 -4.25 -4.59
N ILE A 107 -13.22 -3.21 -5.34
CA ILE A 107 -11.97 -2.50 -5.13
C ILE A 107 -12.30 -1.22 -4.37
N VAL A 108 -11.45 -0.84 -3.42
CA VAL A 108 -11.67 0.38 -2.66
C VAL A 108 -10.40 1.22 -2.74
N ILE A 109 -10.51 2.42 -3.32
CA ILE A 109 -9.37 3.31 -3.44
C ILE A 109 -9.36 4.17 -2.17
N ILE A 110 -8.88 3.58 -1.08
CA ILE A 110 -8.85 4.26 0.23
C ILE A 110 -8.15 5.61 0.27
N ASP A 111 -8.70 6.52 1.08
CA ASP A 111 -8.14 7.85 1.22
C ASP A 111 -7.80 8.22 2.66
N GLN A 112 -8.15 7.36 3.60
CA GLN A 112 -7.86 7.60 5.02
C GLN A 112 -7.56 6.29 5.74
N PHE A 113 -6.99 6.39 6.95
CA PHE A 113 -6.70 5.21 7.75
C PHE A 113 -6.91 5.52 9.23
N ILE A 114 -7.08 4.46 10.02
CA ILE A 114 -7.22 4.56 11.47
C ILE A 114 -6.23 3.51 11.96
N ASP A 115 -5.23 3.97 12.71
CA ASP A 115 -4.18 3.08 13.21
C ASP A 115 -4.59 2.29 14.46
N ARG A 116 -4.41 0.98 14.40
CA ARG A 116 -4.71 0.13 15.54
C ARG A 116 -3.51 -0.78 15.79
N THR A 117 -2.39 -0.49 15.12
CA THR A 117 -1.18 -1.28 15.28
C THR A 117 -0.51 -0.81 16.58
N THR A 118 0.32 -1.65 17.18
CA THR A 118 0.95 -1.26 18.43
C THR A 118 2.44 -1.51 18.55
N MET A 119 2.97 -2.39 17.72
CA MET A 119 4.41 -2.68 17.84
C MET A 119 5.19 -2.44 16.56
N ARG A 120 4.89 -1.34 15.87
CA ARG A 120 5.57 -1.06 14.62
C ARG A 120 6.26 0.29 14.51
N PRO A 121 7.53 0.29 14.10
CA PRO A 121 8.25 1.56 13.94
C PRO A 121 7.54 2.27 12.80
N GLN A 122 7.21 3.54 12.98
CA GLN A 122 6.50 4.27 11.93
C GLN A 122 7.26 5.44 11.33
N SER A 123 8.56 5.53 11.64
CA SER A 123 9.36 6.61 11.12
C SER A 123 10.79 6.21 10.83
N PHE A 124 11.40 6.89 9.88
CA PHE A 124 12.79 6.64 9.51
C PHE A 124 13.67 7.42 10.48
N TYR A 125 13.10 8.46 11.06
CA TYR A 125 13.83 9.33 11.98
C TYR A 125 13.81 8.84 13.43
N ASP A 126 14.47 7.71 13.67
CA ASP A 126 14.54 7.13 15.00
C ASP A 126 15.90 7.42 15.63
N GLY A 127 16.58 8.42 15.08
CA GLY A 127 17.88 8.82 15.60
C GLY A 127 18.97 7.77 15.59
N SER A 128 18.78 6.70 14.83
CA SER A 128 19.78 5.64 14.77
C SER A 128 20.51 5.60 13.43
N HIS A 129 20.09 6.46 12.49
CA HIS A 129 20.70 6.49 11.18
C HIS A 129 21.03 7.90 10.72
N SER A 130 22.31 8.14 10.43
CA SER A 130 22.79 9.45 10.00
C SER A 130 22.05 9.97 8.77
N CYS A 131 21.54 9.05 7.96
CA CYS A 131 20.83 9.40 6.74
C CYS A 131 19.49 10.09 7.04
N ALA A 132 19.01 9.95 8.28
CA ALA A 132 17.76 10.55 8.70
C ALA A 132 17.94 11.11 10.12
N ARG A 133 18.46 12.33 10.20
CA ARG A 133 18.70 12.96 11.49
C ARG A 133 17.61 13.92 11.92
N GLY A 134 17.39 14.00 13.24
CA GLY A 134 16.39 14.88 13.79
C GLY A 134 15.08 14.19 14.12
N VAL A 135 14.09 14.99 14.49
CA VAL A 135 12.78 14.48 14.85
C VAL A 135 11.79 14.88 13.75
N CYS A 136 11.17 13.90 13.13
CA CYS A 136 10.23 14.17 12.06
C CYS A 136 8.78 13.93 12.44
N HIS A 137 7.96 14.97 12.28
CA HIS A 137 6.53 14.91 12.55
C HIS A 137 5.83 15.15 11.22
N ILE A 138 5.68 14.07 10.46
CA ILE A 138 5.06 14.12 9.13
C ILE A 138 3.54 14.30 9.19
N PRO A 139 2.98 15.21 8.36
CA PRO A 139 1.53 15.44 8.33
C PRO A 139 0.80 14.23 7.75
N MET A 140 -0.38 13.91 8.28
CA MET A 140 -1.13 12.77 7.80
C MET A 140 -2.57 13.10 7.44
N ALA A 141 -2.86 14.39 7.28
CA ALA A 141 -4.20 14.83 6.92
C ALA A 141 -4.70 14.14 5.65
N GLU A 142 -3.81 14.04 4.66
CA GLU A 142 -4.10 13.39 3.38
C GLU A 142 -2.98 12.38 3.16
N PRO A 143 -3.11 11.18 3.75
CA PRO A 143 -2.13 10.11 3.65
C PRO A 143 -1.84 9.55 2.27
N PHE A 144 -2.83 9.58 1.39
CA PHE A 144 -2.64 9.02 0.05
C PHE A 144 -2.59 10.08 -1.04
N CYS A 145 -1.80 9.82 -2.07
CA CYS A 145 -1.64 10.73 -3.20
C CYS A 145 -2.95 10.90 -3.96
N PRO A 146 -3.57 12.08 -3.88
CA PRO A 146 -4.84 12.31 -4.58
C PRO A 146 -4.80 12.14 -6.10
N LYS A 147 -3.73 12.61 -6.74
CA LYS A 147 -3.61 12.50 -8.19
C LYS A 147 -3.60 11.05 -8.66
N THR A 148 -2.83 10.21 -7.99
CA THR A 148 -2.75 8.79 -8.36
C THR A 148 -4.10 8.11 -8.09
N ARG A 149 -4.72 8.45 -6.98
CA ARG A 149 -6.01 7.87 -6.64
C ARG A 149 -7.03 8.22 -7.71
N GLU A 150 -6.97 9.45 -8.21
CA GLU A 150 -7.90 9.90 -9.23
C GLU A 150 -7.78 9.06 -10.51
N VAL A 151 -6.53 8.77 -10.90
CA VAL A 151 -6.29 7.96 -12.10
C VAL A 151 -6.78 6.54 -11.87
N LEU A 152 -6.54 6.01 -10.68
CA LEU A 152 -6.98 4.66 -10.36
C LEU A 152 -8.51 4.56 -10.42
N ILE A 153 -9.19 5.57 -9.89
CA ILE A 153 -10.64 5.59 -9.90
C ILE A 153 -11.20 5.67 -11.33
N GLU A 154 -10.65 6.58 -12.13
CA GLU A 154 -11.11 6.73 -13.51
C GLU A 154 -10.79 5.49 -14.33
N THR A 155 -9.63 4.87 -14.07
CA THR A 155 -9.26 3.66 -14.80
C THR A 155 -10.17 2.49 -14.46
N ALA A 156 -10.53 2.36 -13.19
CA ALA A 156 -11.42 1.27 -12.77
C ALA A 156 -12.75 1.43 -13.47
N LYS A 157 -13.18 2.67 -13.63
CA LYS A 157 -14.45 2.97 -14.30
C LYS A 157 -14.34 2.56 -15.77
N LYS A 158 -13.24 2.94 -16.41
CA LYS A 158 -13.03 2.59 -17.81
C LYS A 158 -12.99 1.08 -17.99
N LEU A 159 -12.63 0.36 -16.93
CA LEU A 159 -12.56 -1.10 -16.97
C LEU A 159 -13.88 -1.75 -16.54
N GLY A 160 -14.86 -0.93 -16.16
CA GLY A 160 -16.15 -1.46 -15.75
C GLY A 160 -16.13 -2.21 -14.44
N LEU A 161 -15.14 -1.94 -13.59
CA LEU A 161 -15.01 -2.62 -12.31
C LEU A 161 -15.76 -1.97 -11.16
N ARG A 162 -16.33 -2.79 -10.28
CA ARG A 162 -17.02 -2.27 -9.11
C ARG A 162 -15.88 -1.65 -8.29
N CYS A 163 -15.95 -0.35 -8.07
CA CYS A 163 -14.89 0.35 -7.36
C CYS A 163 -15.45 1.49 -6.52
N HIS A 164 -14.98 1.61 -5.29
CA HIS A 164 -15.40 2.66 -4.37
C HIS A 164 -14.35 3.77 -4.38
N SER A 165 -14.82 4.99 -4.57
CA SER A 165 -13.94 6.16 -4.68
C SER A 165 -13.29 6.70 -3.41
N LYS A 166 -13.63 6.15 -2.26
CA LYS A 166 -13.04 6.59 -1.00
C LYS A 166 -13.23 5.47 0.02
N GLY A 167 -12.54 5.58 1.15
CA GLY A 167 -12.67 4.56 2.17
C GLY A 167 -11.64 4.70 3.28
N THR A 168 -12.06 4.43 4.50
CA THR A 168 -11.16 4.52 5.64
C THR A 168 -10.73 3.13 6.05
N MET A 169 -9.42 2.87 5.97
CA MET A 169 -8.88 1.57 6.32
C MET A 169 -8.39 1.54 7.76
N VAL A 170 -8.91 0.63 8.57
CA VAL A 170 -8.41 0.51 9.92
C VAL A 170 -7.39 -0.63 9.85
N THR A 171 -6.19 -0.38 10.34
CA THR A 171 -5.13 -1.38 10.31
C THR A 171 -4.87 -1.92 11.72
N ILE A 172 -5.14 -3.20 11.91
CA ILE A 172 -4.95 -3.85 13.20
C ILE A 172 -3.59 -4.52 13.23
N GLU A 173 -3.08 -4.77 14.43
CA GLU A 173 -1.77 -5.39 14.58
C GLU A 173 -1.74 -6.81 14.04
N GLY A 174 -2.76 -7.60 14.38
CA GLY A 174 -2.80 -8.98 13.93
C GLY A 174 -1.82 -9.79 14.77
N PRO A 175 -1.50 -11.02 14.36
CA PRO A 175 -1.99 -11.68 13.15
C PRO A 175 -3.43 -12.19 13.28
N ARG A 176 -3.97 -12.15 14.50
CA ARG A 176 -5.34 -12.61 14.72
C ARG A 176 -6.33 -11.67 14.03
N PHE A 177 -7.49 -12.21 13.66
CA PHE A 177 -8.54 -11.39 13.07
C PHE A 177 -9.22 -10.73 14.27
N SER A 178 -10.07 -9.75 14.01
CA SER A 178 -10.77 -9.04 15.08
C SER A 178 -11.93 -9.83 15.69
N SER A 179 -12.28 -9.48 16.92
CA SER A 179 -13.39 -10.12 17.61
C SER A 179 -14.62 -9.40 17.03
N ARG A 180 -15.82 -9.89 17.33
CA ARG A 180 -17.01 -9.23 16.81
C ARG A 180 -17.22 -7.88 17.48
N ALA A 181 -16.87 -7.79 18.76
CA ALA A 181 -17.02 -6.52 19.48
C ALA A 181 -16.11 -5.46 18.83
N GLU A 182 -14.91 -5.86 18.44
CA GLU A 182 -13.98 -4.92 17.81
C GLU A 182 -14.51 -4.54 16.43
N SER A 183 -14.98 -5.54 15.68
CA SER A 183 -15.51 -5.31 14.34
C SER A 183 -16.62 -4.25 14.38
N PHE A 184 -17.60 -4.45 15.26
CA PHE A 184 -18.69 -3.51 15.38
C PHE A 184 -18.19 -2.13 15.85
N MET A 185 -17.19 -2.15 16.71
CA MET A 185 -16.62 -0.91 17.23
C MET A 185 -15.95 -0.09 16.10
N PHE A 186 -15.17 -0.77 15.26
CA PHE A 186 -14.51 -0.09 14.16
C PHE A 186 -15.52 0.58 13.25
N ARG A 187 -16.67 -0.05 13.07
CA ARG A 187 -17.73 0.52 12.23
C ARG A 187 -18.20 1.86 12.81
N THR A 188 -18.37 1.90 14.14
CA THR A 188 -18.81 3.13 14.78
C THR A 188 -17.75 4.22 14.66
N TRP A 189 -16.49 3.82 14.57
CA TRP A 189 -15.41 4.80 14.46
C TRP A 189 -15.31 5.38 13.06
N GLY A 190 -16.06 4.82 12.12
CA GLY A 190 -16.02 5.32 10.75
C GLY A 190 -15.16 4.50 9.79
N ALA A 191 -14.65 3.36 10.24
CA ALA A 191 -13.82 2.53 9.36
C ALA A 191 -14.71 1.84 8.34
N ASP A 192 -14.22 1.73 7.10
CA ASP A 192 -14.97 1.10 6.01
C ASP A 192 -14.40 -0.27 5.63
N VAL A 193 -13.09 -0.41 5.75
CA VAL A 193 -12.42 -1.66 5.42
C VAL A 193 -11.36 -1.93 6.50
N ILE A 194 -10.89 -3.16 6.58
CA ILE A 194 -9.92 -3.51 7.61
C ILE A 194 -8.81 -4.45 7.14
N ASN A 195 -7.57 -4.13 7.51
CA ASN A 195 -6.43 -4.97 7.15
C ASN A 195 -5.34 -4.91 8.21
N MET A 196 -4.17 -5.49 7.91
CA MET A 196 -3.08 -5.52 8.88
C MET A 196 -1.79 -4.92 8.33
N THR A 197 -1.86 -4.26 7.17
CA THR A 197 -0.64 -3.75 6.54
C THR A 197 -0.57 -2.30 6.05
N THR A 198 -1.69 -1.59 5.96
CA THR A 198 -1.62 -0.21 5.47
C THR A 198 -0.71 0.67 6.34
N VAL A 199 -0.88 0.61 7.65
CA VAL A 199 -0.02 1.38 8.56
C VAL A 199 1.08 0.42 9.01
N PRO A 200 2.34 0.87 9.03
CA PRO A 200 2.91 2.18 8.70
C PRO A 200 3.42 2.36 7.26
N GLU A 201 3.07 1.45 6.36
CA GLU A 201 3.53 1.55 4.99
C GLU A 201 3.25 2.93 4.39
N VAL A 202 2.02 3.40 4.52
CA VAL A 202 1.63 4.70 3.98
C VAL A 202 2.35 5.86 4.68
N VAL A 203 2.62 5.70 5.97
CA VAL A 203 3.30 6.72 6.74
C VAL A 203 4.76 6.90 6.31
N LEU A 204 5.48 5.79 6.20
CA LEU A 204 6.88 5.83 5.78
C LEU A 204 7.01 6.34 4.34
N ALA A 205 6.07 5.99 3.48
CA ALA A 205 6.11 6.44 2.10
C ALA A 205 6.03 7.98 2.10
N LYS A 206 5.16 8.51 2.96
CA LYS A 206 4.99 9.95 3.09
C LYS A 206 6.31 10.62 3.51
N GLU A 207 6.94 10.07 4.54
CA GLU A 207 8.20 10.63 5.02
C GLU A 207 9.27 10.61 3.93
N ALA A 208 9.19 9.63 3.03
CA ALA A 208 10.15 9.49 1.94
C ALA A 208 9.81 10.37 0.75
N GLY A 209 8.72 11.13 0.86
CA GLY A 209 8.31 12.01 -0.22
C GLY A 209 7.84 11.29 -1.46
N ILE A 210 7.25 10.12 -1.27
CA ILE A 210 6.75 9.30 -2.38
C ILE A 210 5.23 9.40 -2.51
N CYS A 211 4.72 9.47 -3.74
CA CYS A 211 3.27 9.51 -3.97
C CYS A 211 2.80 8.09 -3.75
N TYR A 212 2.05 7.87 -2.67
CA TYR A 212 1.56 6.54 -2.33
C TYR A 212 0.05 6.40 -2.48
N ALA A 213 -0.38 5.29 -3.08
CA ALA A 213 -1.80 5.01 -3.28
C ALA A 213 -2.01 3.51 -3.06
N SER A 214 -3.20 3.14 -2.63
CA SER A 214 -3.49 1.74 -2.34
C SER A 214 -4.74 1.19 -2.99
N ILE A 215 -4.58 0.04 -3.65
CA ILE A 215 -5.69 -0.65 -4.27
C ILE A 215 -6.12 -1.70 -3.26
N ALA A 216 -7.19 -1.42 -2.54
CA ALA A 216 -7.69 -2.34 -1.53
C ALA A 216 -8.74 -3.25 -2.16
N MET A 217 -8.60 -4.55 -1.95
CA MET A 217 -9.53 -5.52 -2.49
C MET A 217 -10.28 -6.21 -1.36
N ALA A 218 -11.59 -5.98 -1.29
CA ALA A 218 -12.39 -6.60 -0.24
C ALA A 218 -12.42 -8.11 -0.51
N THR A 219 -12.07 -8.89 0.50
CA THR A 219 -12.05 -10.35 0.35
C THR A 219 -13.04 -11.05 1.29
N ASP A 220 -13.64 -10.28 2.20
CA ASP A 220 -14.57 -10.85 3.16
C ASP A 220 -15.34 -9.72 3.83
N TYR A 221 -16.25 -10.09 4.73
CA TYR A 221 -17.05 -9.13 5.48
C TYR A 221 -16.63 -9.15 6.95
N ASP A 222 -15.39 -9.59 7.22
CA ASP A 222 -14.88 -9.70 8.58
C ASP A 222 -15.87 -10.55 9.39
N CYS A 223 -16.38 -10.05 10.51
CA CYS A 223 -17.32 -10.84 11.29
C CYS A 223 -18.50 -10.07 11.89
N TRP A 224 -18.74 -8.86 11.41
CA TRP A 224 -19.85 -8.08 11.93
C TRP A 224 -21.16 -8.57 11.31
N GLU A 228 -23.18 -13.90 6.21
CA GLU A 228 -23.05 -14.11 7.64
C GLU A 228 -21.83 -14.97 7.94
N GLU A 229 -21.22 -15.52 6.89
CA GLU A 229 -20.04 -16.36 7.04
C GLU A 229 -18.86 -15.52 7.51
N ALA A 230 -18.38 -15.80 8.73
CA ALA A 230 -17.26 -15.06 9.29
C ALA A 230 -15.98 -15.27 8.48
N VAL A 231 -15.05 -14.34 8.61
CA VAL A 231 -13.79 -14.42 7.89
C VAL A 231 -12.88 -15.55 8.35
N SER A 232 -12.10 -16.08 7.42
CA SER A 232 -11.14 -17.14 7.68
C SER A 232 -10.10 -17.02 6.59
N VAL A 233 -8.92 -17.60 6.78
CA VAL A 233 -7.86 -17.55 5.79
C VAL A 233 -8.30 -18.17 4.46
N ASP A 234 -8.98 -19.32 4.53
CA ASP A 234 -9.43 -19.98 3.30
C ASP A 234 -10.39 -19.12 2.51
N ARG A 235 -11.32 -18.47 3.19
CA ARG A 235 -12.29 -17.60 2.53
C ARG A 235 -11.57 -16.44 1.84
N VAL A 236 -10.56 -15.89 2.50
CA VAL A 236 -9.80 -14.77 1.93
C VAL A 236 -9.03 -15.19 0.68
N LEU A 237 -8.32 -16.31 0.77
CA LEU A 237 -7.54 -16.79 -0.37
C LEU A 237 -8.42 -17.15 -1.56
N LYS A 238 -9.61 -17.68 -1.30
CA LYS A 238 -10.55 -18.05 -2.36
C LYS A 238 -11.01 -16.80 -3.12
N THR A 239 -11.43 -15.78 -2.39
CA THR A 239 -11.90 -14.55 -3.01
C THR A 239 -10.79 -13.91 -3.84
N LEU A 240 -9.57 -13.91 -3.31
CA LEU A 240 -8.45 -13.33 -4.02
C LEU A 240 -8.17 -14.10 -5.31
N LYS A 241 -8.27 -15.42 -5.23
CA LYS A 241 -8.03 -16.26 -6.40
C LYS A 241 -9.02 -15.90 -7.50
N GLU A 242 -10.27 -15.64 -7.11
CA GLU A 242 -11.31 -15.30 -8.07
C GLU A 242 -11.26 -13.86 -8.58
N ASN A 243 -10.66 -12.96 -7.81
CA ASN A 243 -10.62 -11.54 -8.20
C ASN A 243 -9.26 -10.90 -8.45
N ALA A 244 -8.18 -11.63 -8.22
CA ALA A 244 -6.84 -11.09 -8.42
C ALA A 244 -6.64 -10.41 -9.77
N ASN A 245 -7.22 -11.00 -10.82
CA ASN A 245 -7.10 -10.45 -12.16
C ASN A 245 -7.51 -8.98 -12.28
N LYS A 246 -8.46 -8.56 -11.45
CA LYS A 246 -8.94 -7.17 -11.49
C LYS A 246 -7.83 -6.19 -11.11
N ALA A 247 -7.15 -6.45 -9.99
CA ALA A 247 -6.08 -5.58 -9.53
C ALA A 247 -4.95 -5.55 -10.55
N LYS A 248 -4.65 -6.71 -11.15
CA LYS A 248 -3.61 -6.79 -12.16
C LYS A 248 -3.97 -5.90 -13.35
N SER A 249 -5.20 -6.02 -13.84
CA SER A 249 -5.64 -5.21 -14.98
C SER A 249 -5.62 -3.72 -14.63
N LEU A 250 -6.04 -3.38 -13.43
CA LEU A 250 -6.05 -1.99 -12.99
C LEU A 250 -4.65 -1.39 -13.01
N LEU A 251 -3.69 -2.12 -12.44
CA LEU A 251 -2.29 -1.66 -12.42
C LEU A 251 -1.73 -1.50 -13.83
N LEU A 252 -1.93 -2.53 -14.65
CA LEU A 252 -1.42 -2.50 -16.02
C LEU A 252 -1.97 -1.34 -16.84
N THR A 253 -3.22 -0.98 -16.58
CA THR A 253 -3.88 0.11 -17.32
C THR A 253 -3.59 1.49 -16.71
N THR A 254 -3.46 1.55 -15.39
CA THR A 254 -3.20 2.81 -14.71
C THR A 254 -1.78 3.35 -14.88
N ILE A 255 -0.79 2.48 -14.70
CA ILE A 255 0.60 2.90 -14.77
C ILE A 255 1.01 3.65 -16.04
N PRO A 256 0.58 3.19 -17.22
CA PRO A 256 0.99 3.95 -18.41
C PRO A 256 0.44 5.37 -18.37
N GLN A 257 -0.75 5.53 -17.80
CA GLN A 257 -1.38 6.85 -17.69
C GLN A 257 -0.61 7.75 -16.73
N ILE A 258 -0.05 7.15 -15.69
CA ILE A 258 0.73 7.93 -14.73
C ILE A 258 2.00 8.39 -15.41
N GLY A 259 2.59 7.51 -16.21
CA GLY A 259 3.82 7.86 -16.90
C GLY A 259 3.66 8.89 -18.00
N SER A 260 2.42 9.25 -18.33
CA SER A 260 2.18 10.24 -19.38
C SER A 260 1.65 11.56 -18.85
N THR A 261 1.61 11.73 -17.53
CA THR A 261 1.11 12.97 -16.96
C THR A 261 2.20 13.77 -16.24
N GLU A 262 1.84 14.97 -15.79
CA GLU A 262 2.77 15.87 -15.11
C GLU A 262 2.81 15.64 -13.60
N TRP A 263 4.02 15.53 -13.03
CA TRP A 263 4.18 15.31 -11.61
C TRP A 263 5.22 16.21 -10.93
N SER A 264 5.85 17.09 -11.71
CA SER A 264 6.88 17.98 -11.16
C SER A 264 6.43 18.73 -9.92
N GLU A 265 5.29 19.40 -10.02
CA GLU A 265 4.75 20.17 -8.90
C GLU A 265 4.26 19.29 -7.75
N THR A 266 3.63 18.17 -8.09
CA THR A 266 3.12 17.25 -7.09
C THR A 266 4.24 16.64 -6.26
N LEU A 267 5.29 16.19 -6.92
CA LEU A 267 6.43 15.59 -6.22
C LEU A 267 7.21 16.65 -5.44
N HIS A 268 7.23 17.88 -5.97
CA HIS A 268 7.93 18.98 -5.32
C HIS A 268 7.27 19.31 -3.98
N ASN A 269 5.95 19.34 -3.97
CA ASN A 269 5.20 19.65 -2.76
C ASN A 269 5.40 18.58 -1.69
N LEU A 270 5.43 17.32 -2.11
CA LEU A 270 5.63 16.21 -1.18
C LEU A 270 7.05 16.28 -0.62
N LYS A 271 7.99 16.69 -1.45
CA LYS A 271 9.38 16.82 -1.02
C LYS A 271 9.48 17.86 0.09
N ASN A 272 8.88 19.02 -0.14
CA ASN A 272 8.90 20.10 0.85
C ASN A 272 8.22 19.72 2.15
N MET A 273 7.02 19.13 2.05
CA MET A 273 6.27 18.72 3.24
C MET A 273 7.10 17.79 4.11
N ALA A 274 7.75 16.82 3.47
CA ALA A 274 8.58 15.85 4.19
C ALA A 274 9.79 16.52 4.82
N GLN A 275 10.45 17.36 4.04
CA GLN A 275 11.65 18.07 4.48
C GLN A 275 11.39 19.00 5.67
N PHE A 276 10.37 19.84 5.55
CA PHE A 276 10.04 20.80 6.61
C PHE A 276 9.35 20.19 7.82
N SER A 277 9.14 18.87 7.81
CA SER A 277 8.52 18.18 8.93
C SER A 277 9.59 17.76 9.93
N VAL A 278 10.85 17.91 9.52
CA VAL A 278 11.96 17.51 10.37
C VAL A 278 12.50 18.63 11.26
N LEU A 279 12.65 18.32 12.54
CA LEU A 279 13.19 19.27 13.51
C LEU A 279 14.67 18.94 13.70
N LEU A 280 15.54 19.83 13.24
CA LEU A 280 16.98 19.61 13.37
C LEU A 280 17.45 20.11 14.74
N PRO A 281 18.57 19.58 15.23
CA PRO A 281 19.10 20.00 16.53
C PRO A 281 19.36 21.50 16.62
#